data_6RAE
#
_entry.id   6RAE
#
_cell.length_a   106.292
_cell.length_b   106.292
_cell.length_c   73.500
_cell.angle_alpha   90.00
_cell.angle_beta   90.00
_cell.angle_gamma   120.00
#
_symmetry.space_group_name_H-M   'P 65'
#
loop_
_entity.id
_entity.type
_entity.pdbx_description
1 polymer 'Secretory apparatus ATP synthase (Associated with virulence)'
2 non-polymer GLYCEROL
3 non-polymer 'CHLORIDE ION'
4 water water
#
_entity_poly.entity_id   1
_entity_poly.type   'polypeptide(L)'
_entity_poly.pdbx_seq_one_letter_code
;MGRALSAWVGYSVLGAVLDPTGKIVERFTPEVAPISEERVIDVAPPSYASRVGVREPLITGVRAIDGLLTCGVGQRMGIF
ASAGCGKTMLMHMLIEQTEADVFVIGLIGERGREVTEFVDMLRASHKKEKCVLVFATSDFPSVDRCNAAQLATTVAEYFR
DQGKRVVLFIDSMTRYARALRDVALASGERPARRGYPASVFDNLPRLLERPGATSEGSITAFYTVLLESEEEADPMADEI
RSILDGHLYLSRKLAGQGHYPAIDVLKSVSRVFGQVTTPTHAEQASAVRKLMTRLEELQLFIDLGEYRPGENIDNDRAMQ
MRDSLKAWLCQPVAQYSSFDDTLSGMNAFADQNSAWSHPQFEK
;
_entity_poly.pdbx_strand_id   A
#
loop_
_chem_comp.id
_chem_comp.type
_chem_comp.name
_chem_comp.formula
CL non-polymer 'CHLORIDE ION' 'Cl -1'
GOL non-polymer GLYCEROL 'C3 H8 O3'
#
# COMPACT_ATOMS: atom_id res chain seq x y z
N ALA A 4 -10.44 28.76 -0.08
CA ALA A 4 -10.26 27.45 -0.71
C ALA A 4 -11.17 26.39 -0.08
N LEU A 5 -11.33 25.26 -0.78
CA LEU A 5 -12.31 24.24 -0.41
C LEU A 5 -11.90 23.54 0.88
N SER A 6 -12.76 23.61 1.89
CA SER A 6 -12.43 23.12 3.21
C SER A 6 -13.51 22.17 3.70
N ALA A 7 -13.14 21.36 4.68
CA ALA A 7 -14.05 20.34 5.22
C ALA A 7 -13.83 20.22 6.72
N TRP A 8 -14.89 19.81 7.42
CA TRP A 8 -14.79 19.49 8.83
C TRP A 8 -14.15 18.11 8.99
N VAL A 9 -13.03 18.06 9.71
CA VAL A 9 -12.35 16.81 10.04
C VAL A 9 -12.10 16.78 11.54
N GLY A 10 -11.95 15.58 12.09
CA GLY A 10 -11.62 15.46 13.50
C GLY A 10 -12.06 14.11 14.03
N TYR A 11 -12.06 14.02 15.37
CA TYR A 11 -12.51 12.81 16.03
C TYR A 11 -13.95 12.47 15.65
N SER A 12 -14.71 13.46 15.21
CA SER A 12 -16.11 13.27 14.80
C SER A 12 -16.26 12.38 13.57
N VAL A 13 -15.19 12.11 12.82
CA VAL A 13 -15.29 11.27 11.63
C VAL A 13 -14.75 9.86 11.85
N LEU A 14 -14.13 9.60 13.01
CA LEU A 14 -13.72 8.24 13.30
C LEU A 14 -14.93 7.33 13.27
N GLY A 15 -14.77 6.17 12.64
CA GLY A 15 -15.89 5.24 12.53
C GLY A 15 -16.93 5.61 11.51
N ALA A 16 -16.62 6.54 10.61
CA ALA A 16 -17.64 7.09 9.71
C ALA A 16 -17.20 7.03 8.24
N VAL A 17 -18.20 7.18 7.38
CA VAL A 17 -18.02 7.26 5.93
C VAL A 17 -18.30 8.70 5.51
N LEU A 18 -17.36 9.29 4.77
CA LEU A 18 -17.46 10.66 4.30
C LEU A 18 -17.52 10.67 2.78
N ASP A 19 -18.39 11.52 2.24
CA ASP A 19 -18.34 11.82 0.82
C ASP A 19 -17.25 12.88 0.60
N PRO A 20 -16.94 13.24 -0.65
CA PRO A 20 -15.77 14.11 -0.88
C PRO A 20 -15.88 15.49 -0.27
N THR A 21 -17.06 15.91 0.18
CA THR A 21 -17.19 17.20 0.84
C THR A 21 -17.02 17.10 2.35
N GLY A 22 -16.89 15.90 2.89
CA GLY A 22 -16.78 15.73 4.32
C GLY A 22 -18.08 15.44 5.01
N LYS A 23 -19.18 15.36 4.28
CA LYS A 23 -20.45 14.97 4.89
C LYS A 23 -20.38 13.53 5.39
N ILE A 24 -20.83 13.32 6.62
CA ILE A 24 -20.92 11.98 7.17
C ILE A 24 -22.18 11.35 6.59
N VAL A 25 -22.01 10.39 5.67
CA VAL A 25 -23.17 9.75 5.07
C VAL A 25 -23.52 8.42 5.72
N GLU A 26 -22.69 7.95 6.67
CA GLU A 26 -22.91 6.65 7.31
C GLU A 26 -21.92 6.50 8.44
N ARG A 27 -22.35 5.91 9.55
CA ARG A 27 -21.46 5.57 10.66
C ARG A 27 -21.54 4.08 10.87
N PHE A 28 -20.40 3.39 10.77
CA PHE A 28 -20.37 1.97 11.07
C PHE A 28 -20.01 1.70 12.52
N THR A 29 -19.93 2.73 13.34
CA THR A 29 -19.73 2.66 14.79
C THR A 29 -20.16 4.00 15.36
N PRO A 30 -20.55 4.08 16.65
CA PRO A 30 -21.03 5.36 17.18
C PRO A 30 -19.90 6.39 17.24
N GLU A 31 -20.29 7.66 17.24
CA GLU A 31 -19.33 8.74 17.19
C GLU A 31 -18.40 8.73 18.42
N VAL A 32 -17.10 8.87 18.17
CA VAL A 32 -16.13 8.84 19.26
C VAL A 32 -16.21 10.11 20.10
N ALA A 33 -16.05 11.27 19.47
CA ALA A 33 -16.20 12.52 20.19
C ALA A 33 -16.55 13.59 19.19
N PRO A 34 -17.43 14.52 19.53
CA PRO A 34 -17.78 15.59 18.58
C PRO A 34 -16.74 16.71 18.58
N ILE A 35 -15.52 16.36 18.21
CA ILE A 35 -14.39 17.28 18.11
C ILE A 35 -14.04 17.39 16.62
N SER A 36 -14.13 18.59 16.06
CA SER A 36 -13.73 18.76 14.67
C SER A 36 -13.35 20.21 14.41
N GLU A 37 -12.66 20.40 13.29
CA GLU A 37 -12.23 21.72 12.83
C GLU A 37 -12.24 21.74 11.31
N GLU A 38 -12.38 22.94 10.76
CA GLU A 38 -12.37 23.13 9.31
C GLU A 38 -10.93 23.19 8.80
N ARG A 39 -10.63 22.37 7.79
CA ARG A 39 -9.31 22.39 7.17
C ARG A 39 -9.46 22.49 5.66
N VAL A 40 -8.62 23.32 5.05
CA VAL A 40 -8.48 23.31 3.60
C VAL A 40 -7.92 21.96 3.18
N ILE A 41 -8.54 21.32 2.19
CA ILE A 41 -8.15 19.93 1.92
C ILE A 41 -7.01 19.80 0.93
N ASP A 42 -6.76 20.79 0.09
CA ASP A 42 -5.67 20.76 -0.87
C ASP A 42 -4.61 21.75 -0.40
N VAL A 43 -3.63 21.26 0.35
CA VAL A 43 -2.59 22.08 0.93
C VAL A 43 -1.23 21.53 0.52
N ALA A 44 -0.22 22.34 0.69
CA ALA A 44 1.13 21.92 0.35
C ALA A 44 1.68 20.98 1.42
N PRO A 45 2.59 20.09 1.03
CA PRO A 45 3.31 19.26 2.02
C PRO A 45 3.99 20.13 3.06
N PRO A 46 4.23 19.60 4.25
CA PRO A 46 4.97 20.38 5.26
C PRO A 46 6.40 20.64 4.79
N SER A 47 7.03 21.60 5.45
CA SER A 47 8.42 21.92 5.20
C SER A 47 9.29 20.68 5.37
N TYR A 48 10.28 20.53 4.50
CA TYR A 48 11.19 19.39 4.67
C TYR A 48 11.94 19.48 5.99
N ALA A 49 12.15 20.69 6.51
CA ALA A 49 12.87 20.84 7.77
C ALA A 49 11.99 20.54 8.98
N SER A 50 10.70 20.24 8.79
CA SER A 50 9.82 19.92 9.90
C SER A 50 9.66 18.42 10.12
N ARG A 51 10.32 17.58 9.32
CA ARG A 51 10.11 16.15 9.42
C ARG A 51 11.21 15.53 10.27
N VAL A 52 11.09 14.22 10.51
CA VAL A 52 12.24 13.42 10.92
C VAL A 52 12.42 12.33 9.87
N GLY A 53 13.49 11.56 10.00
CA GLY A 53 13.72 10.48 9.09
C GLY A 53 12.73 9.35 9.29
N VAL A 54 12.43 8.65 8.20
CA VAL A 54 11.79 7.35 8.34
C VAL A 54 12.86 6.40 8.89
N ARG A 55 12.77 6.09 10.17
CA ARG A 55 13.74 5.20 10.80
C ARG A 55 13.11 4.04 11.57
N GLU A 56 11.80 4.04 11.81
CA GLU A 56 11.19 3.00 12.61
C GLU A 56 10.38 2.04 11.73
N PRO A 57 10.48 0.72 11.91
CA PRO A 57 9.70 -0.17 11.05
C PRO A 57 8.23 -0.15 11.43
N LEU A 58 7.39 -0.24 10.40
CA LEU A 58 5.95 -0.39 10.57
C LEU A 58 5.61 -1.87 10.41
N ILE A 59 5.32 -2.53 11.53
CA ILE A 59 5.08 -3.97 11.52
C ILE A 59 3.68 -4.26 11.02
N THR A 60 3.58 -5.01 9.92
CA THR A 60 2.29 -5.35 9.33
C THR A 60 1.79 -6.74 9.73
N GLY A 61 2.62 -7.54 10.38
CA GLY A 61 2.26 -8.91 10.62
C GLY A 61 2.26 -9.79 9.39
N VAL A 62 2.64 -9.28 8.22
CA VAL A 62 2.71 -10.06 7.00
C VAL A 62 4.16 -10.47 6.79
N ARG A 63 4.43 -11.79 6.78
CA ARG A 63 5.80 -12.29 6.70
C ARG A 63 6.56 -11.76 5.49
N ALA A 64 5.94 -11.80 4.31
CA ALA A 64 6.65 -11.35 3.11
C ALA A 64 7.05 -9.88 3.22
N ILE A 65 6.15 -9.05 3.73
CA ILE A 65 6.41 -7.62 3.82
C ILE A 65 7.42 -7.36 4.93
N ASP A 66 7.08 -7.74 6.17
CA ASP A 66 7.96 -7.45 7.29
C ASP A 66 9.34 -8.07 7.07
N GLY A 67 9.41 -9.23 6.43
CA GLY A 67 10.66 -9.94 6.28
C GLY A 67 11.53 -9.37 5.18
N LEU A 68 10.95 -9.16 4.00
CA LEU A 68 11.75 -8.81 2.83
C LEU A 68 11.53 -7.38 2.34
N LEU A 69 10.41 -6.75 2.71
CA LEU A 69 9.97 -5.51 2.12
C LEU A 69 9.59 -4.53 3.21
N THR A 70 10.36 -4.52 4.30
CA THR A 70 9.91 -3.91 5.55
C THR A 70 9.53 -2.45 5.34
N CYS A 71 8.32 -2.10 5.78
CA CYS A 71 7.85 -0.72 5.71
C CYS A 71 8.32 0.08 6.91
N GLY A 72 8.41 1.40 6.71
CA GLY A 72 8.83 2.31 7.77
C GLY A 72 7.73 3.28 8.12
N VAL A 73 7.74 3.74 9.37
CA VAL A 73 6.76 4.70 9.84
C VAL A 73 7.01 6.03 9.15
N GLY A 74 6.05 6.50 8.36
CA GLY A 74 6.21 7.70 7.58
C GLY A 74 6.49 7.46 6.13
N GLN A 75 6.64 6.22 5.72
CA GLN A 75 6.94 5.88 4.34
C GLN A 75 5.71 6.07 3.44
N ARG A 76 5.97 6.28 2.15
CA ARG A 76 4.97 6.16 1.10
C ARG A 76 5.29 4.91 0.29
N MET A 77 4.33 3.99 0.22
CA MET A 77 4.56 2.68 -0.37
C MET A 77 3.50 2.42 -1.44
N GLY A 78 3.92 2.06 -2.64
CA GLY A 78 2.99 1.70 -3.68
C GLY A 78 2.57 0.24 -3.62
N ILE A 79 1.34 -0.02 -4.04
CA ILE A 79 0.80 -1.36 -4.26
C ILE A 79 0.40 -1.40 -5.73
N PHE A 80 1.14 -2.14 -6.53
CA PHE A 80 0.97 -2.17 -7.98
C PHE A 80 0.32 -3.49 -8.36
N ALA A 81 -0.84 -3.42 -8.99
CA ALA A 81 -1.55 -4.65 -9.29
C ALA A 81 -2.39 -4.47 -10.53
N SER A 82 -2.43 -5.52 -11.35
CA SER A 82 -3.49 -5.66 -12.34
C SER A 82 -4.75 -6.16 -11.64
N ALA A 83 -5.84 -6.27 -12.41
CA ALA A 83 -7.10 -6.69 -11.83
C ALA A 83 -7.01 -8.15 -11.37
N GLY A 84 -7.70 -8.46 -10.27
CA GLY A 84 -7.77 -9.82 -9.79
C GLY A 84 -6.54 -10.31 -9.07
N CYS A 85 -5.76 -9.41 -8.46
CA CYS A 85 -4.55 -9.80 -7.73
C CYS A 85 -4.71 -9.79 -6.22
N GLY A 86 -5.92 -9.53 -5.72
CA GLY A 86 -6.14 -9.50 -4.28
C GLY A 86 -5.77 -8.20 -3.60
N LYS A 87 -5.74 -7.10 -4.35
CA LYS A 87 -5.36 -5.80 -3.78
C LYS A 87 -6.25 -5.45 -2.59
N THR A 88 -7.57 -5.59 -2.74
CA THR A 88 -8.48 -5.16 -1.68
C THR A 88 -8.37 -6.04 -0.45
N MET A 89 -8.20 -7.35 -0.64
CA MET A 89 -7.96 -8.24 0.50
C MET A 89 -6.65 -7.89 1.21
N LEU A 90 -5.61 -7.51 0.46
CA LEU A 90 -4.37 -7.09 1.11
C LEU A 90 -4.57 -5.80 1.91
N MET A 91 -5.33 -4.85 1.37
CA MET A 91 -5.67 -3.66 2.14
C MET A 91 -6.36 -4.03 3.47
N HIS A 92 -7.35 -4.93 3.42
CA HIS A 92 -8.02 -5.32 4.66
C HIS A 92 -7.07 -6.03 5.61
N MET A 93 -6.17 -6.86 5.07
CA MET A 93 -5.17 -7.51 5.91
C MET A 93 -4.27 -6.48 6.60
N LEU A 94 -3.80 -5.49 5.84
CA LEU A 94 -2.94 -4.47 6.44
C LEU A 94 -3.69 -3.71 7.53
N ILE A 95 -4.95 -3.38 7.29
CA ILE A 95 -5.73 -2.70 8.33
C ILE A 95 -5.83 -3.56 9.58
N GLU A 96 -6.23 -4.83 9.41
CA GLU A 96 -6.45 -5.68 10.58
C GLU A 96 -5.17 -5.94 11.36
N GLN A 97 -4.03 -6.08 10.69
CA GLN A 97 -2.84 -6.57 11.39
C GLN A 97 -1.84 -5.50 11.80
N THR A 98 -1.87 -4.32 11.20
CA THR A 98 -0.91 -3.27 11.54
C THR A 98 -1.34 -2.54 12.80
N GLU A 99 -0.39 -2.26 13.70
CA GLU A 99 -0.71 -1.43 14.85
C GLU A 99 -0.64 0.05 14.49
N ALA A 100 -1.75 0.76 14.65
CA ALA A 100 -1.77 2.20 14.43
C ALA A 100 -2.95 2.77 15.20
N ASP A 101 -2.89 4.08 15.42
CA ASP A 101 -3.99 4.75 16.10
C ASP A 101 -5.17 4.98 15.15
N VAL A 102 -4.90 5.29 13.88
CA VAL A 102 -5.98 5.67 12.97
C VAL A 102 -5.69 5.09 11.59
N PHE A 103 -6.74 4.59 10.94
CA PHE A 103 -6.69 4.13 9.56
C PHE A 103 -7.63 4.97 8.71
N VAL A 104 -7.11 5.60 7.66
CA VAL A 104 -7.90 6.40 6.74
C VAL A 104 -7.84 5.74 5.37
N ILE A 105 -9.00 5.45 4.80
CA ILE A 105 -9.10 4.83 3.48
C ILE A 105 -9.82 5.79 2.56
N GLY A 106 -9.19 6.11 1.44
CA GLY A 106 -9.81 6.92 0.41
C GLY A 106 -10.01 6.09 -0.84
N LEU A 107 -11.26 5.83 -1.21
CA LEU A 107 -11.60 5.07 -2.41
C LEU A 107 -11.99 6.06 -3.51
N ILE A 108 -11.22 6.08 -4.59
CA ILE A 108 -11.24 7.13 -5.61
C ILE A 108 -11.83 6.54 -6.88
N GLY A 109 -13.02 7.01 -7.27
CA GLY A 109 -13.65 6.53 -8.48
C GLY A 109 -14.03 5.07 -8.44
N GLU A 110 -14.18 4.50 -7.25
CA GLU A 110 -14.61 3.13 -7.08
C GLU A 110 -16.11 2.98 -7.39
N ARG A 111 -16.50 1.80 -7.84
CA ARG A 111 -17.93 1.56 -8.05
C ARG A 111 -18.68 1.46 -6.73
N GLY A 112 -19.95 1.86 -6.76
CA GLY A 112 -20.73 1.92 -5.53
C GLY A 112 -20.76 0.62 -4.75
N ARG A 113 -21.00 -0.49 -5.45
CA ARG A 113 -21.01 -1.80 -4.78
C ARG A 113 -19.72 -2.04 -4.02
N GLU A 114 -18.59 -1.73 -4.63
CA GLU A 114 -17.31 -1.96 -3.96
C GLU A 114 -17.16 -1.06 -2.73
N VAL A 115 -17.65 0.19 -2.81
CA VAL A 115 -17.60 1.04 -1.63
C VAL A 115 -18.39 0.41 -0.49
N THR A 116 -19.62 -0.05 -0.79
CA THR A 116 -20.46 -0.59 0.29
C THR A 116 -19.87 -1.87 0.85
N GLU A 117 -19.27 -2.71 0.00
CA GLU A 117 -18.58 -3.92 0.49
C GLU A 117 -17.41 -3.56 1.41
N PHE A 118 -16.62 -2.55 1.04
CA PHE A 118 -15.53 -2.14 1.91
C PHE A 118 -16.05 -1.70 3.27
N VAL A 119 -17.11 -0.89 3.26
CA VAL A 119 -17.69 -0.39 4.50
C VAL A 119 -18.24 -1.54 5.34
N ASP A 120 -18.87 -2.53 4.70
CA ASP A 120 -19.37 -3.69 5.44
C ASP A 120 -18.24 -4.44 6.15
N MET A 121 -17.12 -4.60 5.44
CA MET A 121 -15.93 -5.19 6.07
C MET A 121 -15.51 -4.36 7.28
N LEU A 122 -15.44 -3.03 7.12
CA LEU A 122 -15.05 -2.19 8.24
C LEU A 122 -16.02 -2.34 9.41
N ARG A 123 -17.31 -2.43 9.10
CA ARG A 123 -18.34 -2.62 10.11
C ARG A 123 -18.06 -3.85 10.95
N ALA A 124 -17.51 -4.90 10.35
CA ALA A 124 -17.17 -6.09 11.14
C ALA A 124 -15.76 -6.06 11.72
N SER A 125 -14.97 -5.01 11.49
CA SER A 125 -13.59 -5.01 11.96
C SER A 125 -13.52 -4.79 13.47
N HIS A 126 -12.51 -5.38 14.11
CA HIS A 126 -12.31 -5.07 15.52
C HIS A 126 -11.60 -3.74 15.73
N LYS A 127 -11.12 -3.09 14.66
CA LYS A 127 -10.56 -1.75 14.72
C LYS A 127 -11.51 -0.68 14.19
N LYS A 128 -12.81 -0.96 14.15
CA LYS A 128 -13.75 -0.08 13.46
C LYS A 128 -13.72 1.34 14.00
N GLU A 129 -13.51 1.52 15.30
CA GLU A 129 -13.50 2.87 15.86
C GLU A 129 -12.24 3.65 15.54
N LYS A 130 -11.25 3.04 14.88
CA LYS A 130 -10.05 3.72 14.44
C LYS A 130 -10.07 4.04 12.94
N CYS A 131 -11.16 3.73 12.25
CA CYS A 131 -11.19 3.77 10.79
C CYS A 131 -12.08 4.89 10.30
N VAL A 132 -11.67 5.51 9.19
CA VAL A 132 -12.42 6.53 8.48
C VAL A 132 -12.36 6.16 7.01
N LEU A 133 -13.53 6.15 6.35
CA LEU A 133 -13.54 5.88 4.91
C LEU A 133 -14.06 7.10 4.18
N VAL A 134 -13.30 7.57 3.20
CA VAL A 134 -13.72 8.66 2.31
C VAL A 134 -13.89 8.05 0.93
N PHE A 135 -14.97 8.43 0.23
CA PHE A 135 -15.20 7.81 -1.07
C PHE A 135 -15.71 8.81 -2.10
N ALA A 136 -15.40 8.51 -3.34
CA ALA A 136 -16.07 9.08 -4.50
C ALA A 136 -16.31 7.93 -5.47
N THR A 137 -17.53 7.76 -5.94
CA THR A 137 -17.78 6.73 -6.92
C THR A 137 -17.43 7.21 -8.33
N SER A 138 -17.56 6.30 -9.29
CA SER A 138 -17.44 6.67 -10.70
C SER A 138 -18.51 7.68 -11.10
N ASP A 139 -19.65 7.70 -10.42
CA ASP A 139 -20.70 8.68 -10.73
C ASP A 139 -20.29 10.11 -10.38
N PHE A 140 -19.26 10.27 -9.57
CA PHE A 140 -18.90 11.62 -9.13
C PHE A 140 -18.09 12.33 -10.21
N PRO A 141 -18.24 13.64 -10.33
CA PRO A 141 -17.36 14.40 -11.25
C PRO A 141 -15.90 14.30 -10.82
N SER A 142 -15.02 14.67 -11.74
CA SER A 142 -13.59 14.53 -11.51
C SER A 142 -13.11 15.37 -10.32
N VAL A 143 -13.62 16.59 -10.21
CA VAL A 143 -13.26 17.46 -9.09
C VAL A 143 -13.51 16.75 -7.77
N ASP A 144 -14.67 16.12 -7.63
CA ASP A 144 -15.00 15.41 -6.39
C ASP A 144 -14.07 14.22 -6.15
N ARG A 145 -13.65 13.55 -7.23
CA ARG A 145 -12.75 12.42 -7.06
C ARG A 145 -11.40 12.88 -6.53
N CYS A 146 -10.88 13.99 -7.07
CA CYS A 146 -9.67 14.56 -6.49
C CYS A 146 -9.88 14.95 -5.04
N ASN A 147 -11.03 15.58 -4.76
CA ASN A 147 -11.31 16.01 -3.40
C ASN A 147 -11.32 14.84 -2.44
N ALA A 148 -11.77 13.66 -2.89
CA ALA A 148 -11.83 12.52 -1.98
C ALA A 148 -10.43 12.16 -1.47
N ALA A 149 -9.45 12.09 -2.39
CA ALA A 149 -8.09 11.78 -1.99
C ALA A 149 -7.50 12.88 -1.12
N GLN A 150 -7.79 14.14 -1.47
CA GLN A 150 -7.29 15.25 -0.65
C GLN A 150 -7.90 15.25 0.74
N LEU A 151 -9.20 14.96 0.84
CA LEU A 151 -9.87 14.91 2.13
C LEU A 151 -9.36 13.76 2.97
N ALA A 152 -9.15 12.60 2.36
CA ALA A 152 -8.58 11.49 3.12
C ALA A 152 -7.20 11.85 3.68
N THR A 153 -6.36 12.47 2.84
CA THR A 153 -5.07 12.92 3.31
C THR A 153 -5.22 13.94 4.44
N THR A 154 -6.20 14.83 4.33
CA THR A 154 -6.42 15.87 5.33
C THR A 154 -6.85 15.28 6.67
N VAL A 155 -7.70 14.26 6.64
CA VAL A 155 -8.10 13.59 7.88
C VAL A 155 -6.87 12.97 8.55
N ALA A 156 -6.03 12.32 7.73
CA ALA A 156 -4.80 11.74 8.25
C ALA A 156 -3.90 12.81 8.89
N GLU A 157 -3.79 13.97 8.24
CA GLU A 157 -2.98 15.05 8.80
C GLU A 157 -3.56 15.56 10.10
N TYR A 158 -4.90 15.61 10.19
CA TYR A 158 -5.51 16.02 11.45
C TYR A 158 -5.03 15.12 12.56
N PHE A 159 -5.06 13.81 12.31
CA PHE A 159 -4.69 12.93 13.43
C PHE A 159 -3.19 12.91 13.67
N ARG A 160 -2.38 13.05 12.62
CA ARG A 160 -0.94 13.24 12.83
C ARG A 160 -0.67 14.43 13.72
N ASP A 161 -1.38 15.54 13.51
CA ASP A 161 -1.22 16.72 14.34
C ASP A 161 -1.65 16.48 15.79
N GLN A 162 -2.54 15.52 16.04
CA GLN A 162 -2.82 15.15 17.42
C GLN A 162 -1.77 14.20 17.99
N GLY A 163 -0.71 13.93 17.25
CA GLY A 163 0.34 13.05 17.72
C GLY A 163 0.08 11.57 17.51
N LYS A 164 -0.79 11.22 16.57
CA LYS A 164 -1.18 9.83 16.38
C LYS A 164 -0.32 9.17 15.30
N ARG A 165 -0.26 7.85 15.36
CA ARG A 165 0.25 7.04 14.27
C ARG A 165 -0.91 6.71 13.33
N VAL A 166 -0.82 7.22 12.09
CA VAL A 166 -1.87 7.10 11.10
C VAL A 166 -1.37 6.27 9.94
N VAL A 167 -2.24 5.41 9.42
CA VAL A 167 -2.00 4.68 8.19
C VAL A 167 -3.05 5.11 7.16
N LEU A 168 -2.59 5.54 6.00
CA LEU A 168 -3.45 6.08 4.95
C LEU A 168 -3.39 5.17 3.73
N PHE A 169 -4.56 4.91 3.13
CA PHE A 169 -4.67 4.19 1.87
C PHE A 169 -5.35 5.08 0.87
N ILE A 170 -4.78 5.23 -0.31
CA ILE A 170 -5.44 5.87 -1.45
C ILE A 170 -5.57 4.82 -2.53
N ASP A 171 -6.82 4.45 -2.84
CA ASP A 171 -7.14 3.40 -3.82
C ASP A 171 -8.11 3.99 -4.85
N SER A 172 -7.61 4.47 -5.99
CA SER A 172 -6.24 4.30 -6.46
C SER A 172 -5.63 5.61 -6.89
N MET A 173 -4.30 5.67 -6.88
CA MET A 173 -3.60 6.80 -7.49
C MET A 173 -3.79 6.85 -9.00
N THR A 174 -4.05 5.72 -9.64
CA THR A 174 -4.37 5.72 -11.07
C THR A 174 -5.60 6.56 -11.34
N ARG A 175 -6.67 6.34 -10.57
CA ARG A 175 -7.87 7.11 -10.78
C ARG A 175 -7.70 8.53 -10.29
N TYR A 176 -6.85 8.76 -9.28
CA TYR A 176 -6.57 10.14 -8.89
C TYR A 176 -5.87 10.90 -10.02
N ALA A 177 -4.89 10.27 -10.65
CA ALA A 177 -4.20 10.90 -11.77
C ALA A 177 -5.15 11.14 -12.94
N ARG A 178 -6.02 10.17 -13.24
CA ARG A 178 -6.98 10.37 -14.32
C ARG A 178 -7.94 11.51 -13.99
N ALA A 179 -8.32 11.66 -12.73
CA ALA A 179 -9.19 12.76 -12.33
C ALA A 179 -8.48 14.11 -12.47
N LEU A 180 -7.24 14.20 -11.96
CA LEU A 180 -6.44 15.41 -12.16
C LEU A 180 -6.37 15.77 -13.63
N ARG A 181 -6.09 14.76 -14.47
CA ARG A 181 -5.99 14.95 -15.91
C ARG A 181 -7.29 15.51 -16.50
N ASP A 182 -8.42 14.92 -16.14
CA ASP A 182 -9.69 15.39 -16.69
C ASP A 182 -10.01 16.81 -16.22
N VAL A 183 -9.73 17.11 -14.96
CA VAL A 183 -9.92 18.48 -14.48
C VAL A 183 -9.01 19.44 -15.24
N ALA A 184 -7.76 19.04 -15.49
CA ALA A 184 -6.82 19.92 -16.18
C ALA A 184 -7.27 20.16 -17.62
N LEU A 185 -7.66 19.09 -18.32
CA LEU A 185 -8.18 19.22 -19.68
C LEU A 185 -9.39 20.13 -19.71
N ALA A 186 -10.37 19.90 -18.83
CA ALA A 186 -11.55 20.73 -18.77
C ALA A 186 -11.25 22.15 -18.29
N SER A 187 -10.06 22.41 -17.78
CA SER A 187 -9.64 23.76 -17.41
C SER A 187 -8.84 24.45 -18.51
N GLY A 188 -8.55 23.76 -19.62
CA GLY A 188 -7.75 24.31 -20.68
C GLY A 188 -6.26 24.05 -20.51
N GLU A 189 -5.84 22.80 -20.71
CA GLU A 189 -4.44 22.42 -20.67
C GLU A 189 -4.19 21.36 -21.74
N ARG A 190 -3.00 21.40 -22.33
CA ARG A 190 -2.89 20.44 -23.42
C ARG A 190 -2.17 19.17 -22.96
N PRO A 191 -2.48 18.03 -23.57
CA PRO A 191 -1.81 16.78 -23.18
C PRO A 191 -0.31 16.83 -23.40
N ALA A 192 0.44 16.51 -22.34
CA ALA A 192 1.89 16.45 -22.40
C ALA A 192 2.39 15.06 -22.75
N ARG A 193 2.08 14.07 -21.91
CA ARG A 193 2.52 12.70 -22.13
C ARG A 193 1.34 11.76 -22.08
N ARG A 194 1.18 10.95 -23.14
CA ARG A 194 0.14 9.94 -23.27
C ARG A 194 -1.22 10.44 -22.81
N GLY A 195 -1.54 11.69 -23.15
CA GLY A 195 -2.83 12.27 -22.83
C GLY A 195 -2.86 13.12 -21.57
N TYR A 196 -1.82 13.04 -20.75
CA TYR A 196 -1.86 13.76 -19.49
C TYR A 196 -1.23 15.14 -19.64
N PRO A 197 -1.91 16.22 -19.23
CA PRO A 197 -1.24 17.52 -19.13
C PRO A 197 -0.06 17.45 -18.17
N ALA A 198 0.80 18.48 -18.26
CA ALA A 198 1.98 18.56 -17.42
C ALA A 198 1.65 18.90 -15.96
N SER A 199 0.50 19.55 -15.73
CA SER A 199 0.08 19.88 -14.37
C SER A 199 -0.09 18.63 -13.51
N VAL A 200 -0.45 17.50 -14.12
CA VAL A 200 -0.67 16.26 -13.37
C VAL A 200 0.61 15.85 -12.67
N PHE A 201 1.69 15.74 -13.44
CA PHE A 201 2.98 15.31 -12.93
C PHE A 201 3.55 16.24 -11.86
N ASP A 202 2.99 17.43 -11.67
CA ASP A 202 3.33 18.26 -10.53
C ASP A 202 2.35 18.14 -9.37
N ASN A 203 1.09 17.80 -9.63
CA ASN A 203 0.15 17.65 -8.53
C ASN A 203 0.20 16.27 -7.89
N LEU A 204 0.72 15.26 -8.58
CA LEU A 204 0.94 13.97 -7.94
C LEU A 204 1.89 14.09 -6.74
N PRO A 205 3.11 14.62 -6.85
CA PRO A 205 3.97 14.75 -5.67
C PRO A 205 3.37 15.63 -4.59
N ARG A 206 2.59 16.66 -4.98
CA ARG A 206 1.94 17.50 -3.99
C ARG A 206 1.08 16.68 -3.05
N LEU A 207 0.38 15.68 -3.59
CA LEU A 207 -0.43 14.82 -2.74
C LEU A 207 0.42 13.78 -2.00
N LEU A 208 1.40 13.18 -2.70
CA LEU A 208 2.16 12.08 -2.11
C LEU A 208 3.18 12.54 -1.08
N GLU A 209 3.59 13.81 -1.08
CA GLU A 209 4.58 14.27 -0.13
C GLU A 209 3.97 14.70 1.20
N ARG A 210 2.66 14.70 1.31
CA ARG A 210 2.03 15.14 2.56
C ARG A 210 2.24 14.13 3.69
N PRO A 211 2.20 12.82 3.45
CA PRO A 211 2.53 11.87 4.53
C PRO A 211 4.00 11.97 4.92
N GLY A 212 4.32 11.32 6.04
CA GLY A 212 5.67 11.34 6.55
C GLY A 212 5.64 11.35 8.07
N ALA A 213 6.83 11.36 8.65
CA ALA A 213 7.00 11.27 10.09
C ALA A 213 7.41 12.63 10.66
N THR A 214 6.92 12.91 11.86
CA THR A 214 7.38 13.98 12.72
C THR A 214 7.92 13.36 14.00
N SER A 215 8.47 14.21 14.85
CA SER A 215 8.88 13.75 16.17
C SER A 215 7.70 13.31 17.05
N GLU A 216 6.45 13.63 16.69
CA GLU A 216 5.33 13.29 17.57
C GLU A 216 4.17 12.56 16.89
N GLY A 217 3.98 12.70 15.57
CA GLY A 217 2.95 11.96 14.87
C GLY A 217 3.53 11.42 13.57
N SER A 218 2.68 10.69 12.84
CA SER A 218 3.17 10.16 11.56
C SER A 218 1.99 9.76 10.69
N ILE A 219 2.22 9.81 9.38
CA ILE A 219 1.32 9.20 8.41
C ILE A 219 2.18 8.29 7.55
N THR A 220 1.84 7.00 7.54
CA THR A 220 2.37 6.06 6.57
C THR A 220 1.28 5.79 5.56
N ALA A 221 1.63 5.85 4.28
CA ALA A 221 0.62 5.87 3.23
C ALA A 221 0.89 4.76 2.23
N PHE A 222 -0.18 4.05 1.86
CA PHE A 222 -0.16 3.05 0.79
C PHE A 222 -0.98 3.56 -0.38
N TYR A 223 -0.40 3.54 -1.57
CA TYR A 223 -1.04 4.08 -2.77
C TYR A 223 -1.16 2.96 -3.78
N THR A 224 -2.38 2.64 -4.20
CA THR A 224 -2.54 1.58 -5.20
C THR A 224 -2.45 2.16 -6.61
N VAL A 225 -1.90 1.35 -7.51
CA VAL A 225 -1.71 1.70 -8.91
C VAL A 225 -2.20 0.53 -9.74
N LEU A 226 -3.11 0.80 -10.68
CA LEU A 226 -3.77 -0.23 -11.45
C LEU A 226 -3.01 -0.44 -12.76
N LEU A 227 -2.33 -1.58 -12.86
CA LEU A 227 -1.67 -1.95 -14.09
C LEU A 227 -2.68 -2.58 -15.05
N GLU A 228 -2.47 -2.37 -16.36
CA GLU A 228 -3.38 -2.96 -17.33
C GLU A 228 -3.22 -4.48 -17.40
N SER A 229 -1.99 -4.97 -17.36
CA SER A 229 -1.73 -6.39 -17.16
C SER A 229 -0.43 -6.54 -16.38
N GLU A 230 -0.23 -7.74 -15.83
CA GLU A 230 0.88 -7.98 -14.91
C GLU A 230 2.23 -7.58 -15.50
N GLU A 231 2.43 -7.86 -16.79
CA GLU A 231 3.68 -7.53 -17.49
C GLU A 231 3.33 -6.79 -18.78
N GLU A 232 3.52 -5.47 -18.77
CA GLU A 232 3.11 -4.60 -19.88
C GLU A 232 3.72 -3.22 -19.65
N ALA A 233 3.82 -2.45 -20.74
CA ALA A 233 4.44 -1.13 -20.70
C ALA A 233 3.41 -0.09 -20.23
N ASP A 234 3.66 0.50 -19.05
CA ASP A 234 2.76 1.48 -18.46
C ASP A 234 3.58 2.69 -17.99
N PRO A 235 3.40 3.87 -18.59
CA PRO A 235 4.22 5.03 -18.22
C PRO A 235 3.76 5.70 -16.92
N MET A 236 2.45 5.83 -16.75
CA MET A 236 1.91 6.44 -15.53
C MET A 236 2.36 5.69 -14.29
N ALA A 237 2.28 4.36 -14.35
CA ALA A 237 2.71 3.54 -13.22
C ALA A 237 4.18 3.75 -12.91
N ASP A 238 5.02 3.81 -13.96
CA ASP A 238 6.44 4.04 -13.75
C ASP A 238 6.68 5.39 -13.08
N GLU A 239 5.96 6.44 -13.50
CA GLU A 239 6.13 7.75 -12.87
C GLU A 239 5.77 7.70 -11.39
N ILE A 240 4.59 7.16 -11.08
CA ILE A 240 4.16 7.05 -9.70
C ILE A 240 5.18 6.27 -8.88
N ARG A 241 5.66 5.14 -9.42
CA ARG A 241 6.71 4.39 -8.74
C ARG A 241 7.93 5.24 -8.48
N SER A 242 8.29 6.08 -9.47
CA SER A 242 9.50 6.89 -9.34
C SER A 242 9.39 7.89 -8.21
N ILE A 243 8.18 8.25 -7.80
CA ILE A 243 8.04 9.23 -6.72
C ILE A 243 7.63 8.59 -5.39
N LEU A 244 7.67 7.27 -5.28
CA LEU A 244 7.33 6.59 -4.02
C LEU A 244 8.58 6.07 -3.33
N ASP A 245 8.42 5.61 -2.08
CA ASP A 245 9.53 5.01 -1.35
C ASP A 245 9.54 3.49 -1.46
N GLY A 246 9.09 2.95 -2.57
CA GLY A 246 8.99 1.51 -2.67
C GLY A 246 7.69 1.05 -3.28
N HIS A 247 7.61 -0.23 -3.62
CA HIS A 247 6.47 -0.75 -4.34
C HIS A 247 6.34 -2.24 -4.06
N LEU A 248 5.12 -2.68 -3.80
CA LEU A 248 4.80 -4.09 -3.73
C LEU A 248 4.08 -4.44 -5.03
N TYR A 249 4.69 -5.30 -5.83
CA TYR A 249 4.05 -5.76 -7.08
C TYR A 249 3.25 -7.02 -6.79
N LEU A 250 1.97 -7.00 -7.13
CA LEU A 250 1.15 -8.18 -7.03
C LEU A 250 1.10 -8.87 -8.38
N SER A 251 1.08 -10.20 -8.35
CA SER A 251 1.21 -11.02 -9.55
C SER A 251 -0.12 -11.71 -9.84
N ARG A 252 -0.66 -11.47 -11.05
CA ARG A 252 -1.83 -12.21 -11.49
C ARG A 252 -1.55 -13.71 -11.54
N LYS A 253 -0.33 -14.08 -11.96
CA LYS A 253 0.09 -15.47 -11.95
C LYS A 253 -0.01 -16.09 -10.55
N LEU A 254 0.54 -15.40 -9.55
CA LEU A 254 0.48 -15.93 -8.18
C LEU A 254 -0.95 -15.98 -7.67
N ALA A 255 -1.74 -14.94 -7.93
CA ALA A 255 -3.15 -14.97 -7.58
C ALA A 255 -3.83 -16.20 -8.17
N GLY A 256 -3.54 -16.50 -9.44
CA GLY A 256 -4.14 -17.66 -10.08
C GLY A 256 -3.85 -18.94 -9.33
N GLN A 257 -2.65 -19.09 -8.79
CA GLN A 257 -2.30 -20.27 -8.02
C GLN A 257 -2.89 -20.27 -6.62
N GLY A 258 -3.69 -19.27 -6.27
CA GLY A 258 -4.17 -19.17 -4.90
C GLY A 258 -3.10 -18.74 -3.92
N HIS A 259 -2.01 -18.16 -4.39
CA HIS A 259 -0.91 -17.70 -3.54
C HIS A 259 -1.20 -16.27 -3.12
N TYR A 260 -1.65 -16.09 -1.87
CA TYR A 260 -1.97 -14.78 -1.33
C TYR A 260 -1.23 -14.55 -0.02
N PRO A 261 -0.73 -13.33 0.23
CA PRO A 261 -0.71 -12.17 -0.70
C PRO A 261 0.10 -12.46 -1.95
N ALA A 262 -0.36 -11.97 -3.10
CA ALA A 262 0.25 -12.33 -4.38
C ALA A 262 1.48 -11.48 -4.68
N ILE A 263 2.38 -11.36 -3.70
CA ILE A 263 3.51 -10.43 -3.79
C ILE A 263 4.63 -11.08 -4.61
N ASP A 264 5.05 -10.39 -5.66
CA ASP A 264 6.22 -10.80 -6.44
C ASP A 264 7.43 -10.15 -5.79
N VAL A 265 8.11 -10.90 -4.91
CA VAL A 265 9.12 -10.32 -4.05
C VAL A 265 10.28 -9.76 -4.88
N LEU A 266 10.68 -10.48 -5.93
CA LEU A 266 11.84 -9.97 -6.68
C LEU A 266 11.49 -8.70 -7.47
N LYS A 267 10.22 -8.47 -7.83
CA LYS A 267 9.82 -7.21 -8.45
C LYS A 267 9.54 -6.11 -7.44
N SER A 268 9.54 -6.42 -6.15
CA SER A 268 9.14 -5.48 -5.11
C SER A 268 10.34 -5.00 -4.32
N VAL A 269 10.22 -3.82 -3.73
CA VAL A 269 11.27 -3.30 -2.88
C VAL A 269 10.67 -2.25 -1.95
N SER A 270 11.25 -2.15 -0.75
CA SER A 270 11.04 -1.02 0.14
C SER A 270 12.33 -0.22 0.16
N ARG A 271 12.26 1.05 -0.29
CA ARG A 271 13.48 1.84 -0.34
C ARG A 271 13.95 2.30 1.03
N VAL A 272 13.12 2.14 2.07
CA VAL A 272 13.55 2.46 3.43
C VAL A 272 14.04 1.22 4.18
N PHE A 273 14.17 0.09 3.50
CA PHE A 273 14.50 -1.18 4.16
C PHE A 273 15.76 -1.04 5.00
N GLY A 274 16.84 -0.56 4.39
CA GLY A 274 18.12 -0.49 5.09
C GLY A 274 18.05 0.38 6.33
N GLN A 275 17.22 1.41 6.31
CA GLN A 275 17.23 2.37 7.41
C GLN A 275 16.25 2.03 8.53
N VAL A 276 15.41 1.00 8.37
CA VAL A 276 14.49 0.62 9.43
C VAL A 276 14.74 -0.78 9.99
N THR A 277 15.78 -1.48 9.53
CA THR A 277 16.07 -2.84 9.98
C THR A 277 17.45 -2.93 10.65
N THR A 278 17.63 -3.97 11.48
CA THR A 278 18.95 -4.24 12.05
C THR A 278 19.91 -4.74 10.96
N PRO A 279 21.23 -4.66 11.21
CA PRO A 279 22.18 -5.25 10.25
C PRO A 279 21.98 -6.75 10.07
N THR A 280 21.62 -7.47 11.13
CA THR A 280 21.38 -8.90 11.01
C THR A 280 20.17 -9.20 10.14
N HIS A 281 19.07 -8.46 10.34
CA HIS A 281 17.90 -8.62 9.49
C HIS A 281 18.26 -8.34 8.03
N ALA A 282 18.99 -7.26 7.76
CA ALA A 282 19.33 -6.91 6.39
C ALA A 282 20.23 -7.97 5.75
N GLU A 283 21.15 -8.52 6.53
CA GLU A 283 21.98 -9.61 6.05
C GLU A 283 21.12 -10.83 5.67
N GLN A 284 20.20 -11.21 6.56
CA GLN A 284 19.30 -12.32 6.27
C GLN A 284 18.45 -12.06 5.03
N ALA A 285 17.94 -10.84 4.87
CA ALA A 285 17.09 -10.55 3.72
C ALA A 285 17.89 -10.59 2.42
N SER A 286 19.12 -10.07 2.45
CA SER A 286 20.00 -10.21 1.29
C SER A 286 20.18 -11.69 0.93
N ALA A 287 20.45 -12.52 1.93
CA ALA A 287 20.63 -13.94 1.65
C ALA A 287 19.36 -14.58 1.08
N VAL A 288 18.20 -14.21 1.61
CA VAL A 288 16.97 -14.81 1.10
C VAL A 288 16.68 -14.33 -0.32
N ARG A 289 17.02 -13.08 -0.64
CA ARG A 289 16.84 -12.63 -2.02
C ARG A 289 17.78 -13.38 -2.97
N LYS A 290 19.04 -13.58 -2.56
CA LYS A 290 19.95 -14.38 -3.39
C LYS A 290 19.39 -15.77 -3.61
N LEU A 291 18.84 -16.38 -2.56
CA LEU A 291 18.24 -17.69 -2.69
C LEU A 291 17.08 -17.67 -3.68
N MET A 292 16.20 -16.67 -3.58
CA MET A 292 15.05 -16.59 -4.48
C MET A 292 15.50 -16.44 -5.93
N THR A 293 16.54 -15.64 -6.17
CA THR A 293 17.01 -15.48 -7.54
C THR A 293 17.60 -16.78 -8.07
N ARG A 294 18.41 -17.48 -7.26
CA ARG A 294 18.88 -18.81 -7.64
C ARG A 294 17.72 -19.74 -7.97
N LEU A 295 16.66 -19.68 -7.16
CA LEU A 295 15.54 -20.60 -7.32
C LEU A 295 14.73 -20.31 -8.57
N GLU A 296 14.56 -19.03 -8.91
CA GLU A 296 13.85 -18.71 -10.16
C GLU A 296 14.71 -19.08 -11.35
N GLU A 297 16.03 -18.92 -11.25
CA GLU A 297 16.94 -19.39 -12.30
C GLU A 297 16.74 -20.88 -12.55
N LEU A 298 16.85 -21.70 -11.51
CA LEU A 298 16.69 -23.14 -11.68
C LEU A 298 15.27 -23.51 -12.12
N GLN A 299 14.27 -22.75 -11.68
CA GLN A 299 12.88 -23.03 -12.08
C GLN A 299 12.71 -22.88 -13.58
N LEU A 300 13.12 -21.74 -14.14
CA LEU A 300 13.05 -21.59 -15.60
C LEU A 300 13.98 -22.58 -16.28
N PHE A 301 15.09 -22.93 -15.63
CA PHE A 301 16.11 -23.80 -16.23
C PHE A 301 15.54 -25.19 -16.54
N ILE A 302 14.92 -25.83 -15.55
CA ILE A 302 14.49 -27.21 -15.77
C ILE A 302 13.00 -27.33 -16.03
N ASP A 303 12.19 -26.42 -15.49
CA ASP A 303 10.73 -26.58 -15.64
C ASP A 303 10.28 -26.35 -17.07
N LEU A 304 11.07 -25.67 -17.89
CA LEU A 304 10.88 -25.72 -19.33
C LEU A 304 11.86 -26.67 -20.02
N GLY A 305 12.98 -26.98 -19.37
CA GLY A 305 13.90 -27.99 -19.85
C GLY A 305 13.46 -29.40 -19.48
N GLU A 306 12.15 -29.59 -19.32
CA GLU A 306 11.53 -30.89 -19.04
C GLU A 306 12.11 -31.51 -17.76
N TYR A 307 11.67 -30.95 -16.64
CA TYR A 307 12.08 -31.45 -15.33
C TYR A 307 11.46 -32.82 -15.05
N ARG A 308 12.25 -33.71 -14.44
CA ARG A 308 11.77 -35.02 -14.03
C ARG A 308 12.09 -35.21 -12.56
N PRO A 309 11.08 -35.40 -11.69
CA PRO A 309 11.35 -35.54 -10.26
C PRO A 309 12.16 -36.78 -9.92
N GLY A 310 13.48 -36.67 -9.97
CA GLY A 310 14.33 -37.79 -9.60
C GLY A 310 15.60 -37.89 -10.41
N GLU A 311 15.70 -37.13 -11.50
CA GLU A 311 16.88 -37.16 -12.35
C GLU A 311 18.11 -36.65 -11.61
N ASN A 312 18.10 -35.37 -11.23
CA ASN A 312 19.18 -34.75 -10.49
C ASN A 312 18.67 -34.43 -9.09
N ILE A 313 19.31 -35.02 -8.08
CA ILE A 313 18.86 -34.83 -6.70
C ILE A 313 19.12 -33.40 -6.22
N ASP A 314 20.10 -32.72 -6.81
CA ASP A 314 20.30 -31.30 -6.50
C ASP A 314 19.11 -30.48 -6.97
N ASN A 315 18.59 -30.79 -8.16
CA ASN A 315 17.38 -30.12 -8.64
C ASN A 315 16.20 -30.39 -7.73
N ASP A 316 16.12 -31.59 -7.16
CA ASP A 316 15.00 -31.91 -6.27
C ASP A 316 15.13 -31.19 -4.94
N ARG A 317 16.34 -31.12 -4.39
CA ARG A 317 16.58 -30.27 -3.22
C ARG A 317 16.14 -28.83 -3.50
N ALA A 318 16.55 -28.29 -4.64
CA ALA A 318 16.19 -26.91 -4.97
C ALA A 318 14.68 -26.75 -5.09
N MET A 319 13.99 -27.73 -5.70
CA MET A 319 12.55 -27.60 -5.86
C MET A 319 11.82 -27.69 -4.53
N GLN A 320 12.30 -28.55 -3.62
CA GLN A 320 11.71 -28.59 -2.28
C GLN A 320 11.92 -27.25 -1.56
N MET A 321 13.12 -26.68 -1.68
CA MET A 321 13.37 -25.38 -1.05
C MET A 321 12.46 -24.29 -1.64
N ARG A 322 12.27 -24.31 -2.96
CA ARG A 322 11.39 -23.35 -3.60
C ARG A 322 9.97 -23.49 -3.08
N ASP A 323 9.47 -24.72 -2.98
CA ASP A 323 8.13 -24.93 -2.45
C ASP A 323 8.03 -24.48 -0.99
N SER A 324 9.07 -24.73 -0.20
CA SER A 324 9.05 -24.31 1.21
C SER A 324 8.99 -22.79 1.32
N LEU A 325 9.78 -22.09 0.51
CA LEU A 325 9.78 -20.64 0.57
C LEU A 325 8.44 -20.09 0.12
N LYS A 326 7.88 -20.64 -0.97
CA LYS A 326 6.57 -20.20 -1.41
C LYS A 326 5.52 -20.42 -0.31
N ALA A 327 5.58 -21.57 0.35
CA ALA A 327 4.63 -21.83 1.43
C ALA A 327 4.78 -20.84 2.57
N TRP A 328 6.02 -20.45 2.87
CA TRP A 328 6.23 -19.46 3.94
C TRP A 328 5.71 -18.09 3.52
N LEU A 329 5.87 -17.72 2.25
CA LEU A 329 5.41 -16.40 1.82
C LEU A 329 3.89 -16.34 1.76
N CYS A 330 3.24 -17.48 1.54
CA CYS A 330 1.79 -17.54 1.49
C CYS A 330 1.23 -17.34 2.89
N GLN A 331 0.23 -16.48 3.02
CA GLN A 331 -0.30 -16.13 4.34
C GLN A 331 -1.77 -15.73 4.24
N PRO A 332 -2.68 -16.62 4.61
CA PRO A 332 -4.10 -16.24 4.63
C PRO A 332 -4.37 -15.22 5.71
N VAL A 333 -5.53 -14.58 5.61
CA VAL A 333 -5.93 -13.67 6.67
C VAL A 333 -6.14 -14.43 7.98
N ALA A 334 -6.13 -13.69 9.08
CA ALA A 334 -6.29 -14.24 10.43
C ALA A 334 -5.14 -15.17 10.78
N GLN A 335 -3.93 -14.86 10.32
CA GLN A 335 -2.74 -15.68 10.59
C GLN A 335 -1.56 -14.78 10.93
N TYR A 336 -1.81 -13.76 11.76
CA TYR A 336 -0.80 -12.76 12.13
C TYR A 336 0.54 -13.41 12.46
N SER A 337 1.62 -12.83 11.94
CA SER A 337 2.97 -13.27 12.26
C SER A 337 3.69 -12.14 12.99
N SER A 338 4.12 -12.42 14.22
CA SER A 338 4.87 -11.41 14.96
C SER A 338 6.21 -11.18 14.30
N PHE A 339 6.75 -9.97 14.47
CA PHE A 339 8.03 -9.65 13.87
C PHE A 339 9.12 -10.65 14.28
N ASP A 340 9.13 -11.08 15.53
CA ASP A 340 10.10 -12.10 15.97
C ASP A 340 9.94 -13.38 15.17
N ASP A 341 8.69 -13.84 14.99
CA ASP A 341 8.46 -15.09 14.29
C ASP A 341 8.85 -14.97 12.81
N THR A 342 8.51 -13.83 12.20
CA THR A 342 8.96 -13.57 10.84
C THR A 342 10.47 -13.63 10.73
N LEU A 343 11.18 -13.00 11.68
CA LEU A 343 12.63 -13.00 11.64
C LEU A 343 13.20 -14.40 11.85
N SER A 344 12.55 -15.23 12.66
CA SER A 344 13.01 -16.61 12.78
C SER A 344 12.88 -17.36 11.45
N GLY A 345 11.78 -17.12 10.72
CA GLY A 345 11.67 -17.69 9.38
C GLY A 345 12.73 -17.19 8.42
N MET A 346 12.97 -15.88 8.43
CA MET A 346 14.03 -15.29 7.59
C MET A 346 15.37 -15.92 7.89
N ASN A 347 15.67 -16.12 9.18
CA ASN A 347 16.93 -16.73 9.58
C ASN A 347 17.04 -18.15 9.03
N ALA A 348 15.93 -18.90 9.06
CA ALA A 348 15.93 -20.27 8.52
C ALA A 348 16.25 -20.28 7.02
N PHE A 349 15.57 -19.42 6.24
CA PHE A 349 15.79 -19.47 4.80
C PHE A 349 17.14 -18.87 4.42
N ALA A 350 17.64 -17.91 5.21
CA ALA A 350 19.00 -17.42 5.01
C ALA A 350 20.02 -18.53 5.24
N ASP A 351 19.85 -19.30 6.33
CA ASP A 351 20.63 -20.53 6.49
C ASP A 351 20.60 -21.37 5.22
N GLN A 352 19.40 -21.55 4.66
CA GLN A 352 19.25 -22.40 3.48
C GLN A 352 20.02 -21.86 2.27
N ASN A 353 20.24 -20.55 2.22
CA ASN A 353 21.08 -20.01 1.15
C ASN A 353 22.48 -20.62 1.13
N SER A 354 22.91 -21.24 2.23
CA SER A 354 24.20 -21.93 2.27
C SER A 354 23.98 -23.40 1.91
N ALA A 355 23.74 -23.64 0.62
CA ALA A 355 23.61 -24.99 0.08
C ALA A 355 23.67 -24.96 -1.45
C1 GOL B . 7.08 -14.73 -4.72
O1 GOL B . 8.00 -13.70 -4.86
C2 GOL B . 7.85 -16.06 -4.88
O2 GOL B . 8.62 -16.09 -6.03
C3 GOL B . 6.76 -17.16 -4.87
O3 GOL B . 7.43 -18.38 -4.82
CL CL C . 0.36 17.00 9.55
CL CL D . 20.16 -23.01 -4.11
#